data_4NSK
#
_entry.id   4NSK
#
_cell.length_a   90.460
_cell.length_b   108.540
_cell.length_c   57.390
_cell.angle_alpha   90.00
_cell.angle_beta   122.43
_cell.angle_gamma   90.00
#
_symmetry.space_group_name_H-M   'C 1 2 1'
#
loop_
_entity.id
_entity.type
_entity.pdbx_description
1 polymer 'H-2 class I histocompatibility antigen, D-B alpha chain'
2 polymer Beta-2-microglobulin
3 polymer 'Pre-glycoprotein polyprotein GP'
4 water water
#
loop_
_entity_poly.entity_id
_entity_poly.type
_entity_poly.pdbx_seq_one_letter_code
_entity_poly.pdbx_strand_id
1 'polypeptide(L)'
;GPHSMRYFETAVSRPGLEEPRYISVGYVDNKEFVRFDSDAENPRYEPRAPWMEQEGPEYWERETQKAKGQEQWFRVSLRN
LLGYYNQSAGGSHTLQQMSGCDLGSDWRLLRGYLQFAYEGRDYIALNEDLKTWTAADMAAQITRRKWEQSGAAEHYKAYL
EGECVEWLHRYLKNGNATLLRTDSPKAHVTHHPRSKGEVTLRCWALGFYPADITLTWQLNGEELTQDMELVETRPAGDGT
FQKWASVVVPLGKEQNYTCRVYHEGLPEPLTLRWEP
;
A
2 'polypeptide(L)'
;IQKTPQIQVYSRHPPENGKPNILNCYVTQFHPPHIEIQMLKNGKKIPKVEMSDMSFSKDWSFYILAHTEFTPTETDTYAC
RVKHDSMAEPKTVYWDRDM
;
B
3 'polypeptide(L)' KAPYNFATM C
#
# COMPACT_ATOMS: atom_id res chain seq x y z
N GLY A 1 -0.26 14.19 -15.49
CA GLY A 1 0.07 13.32 -16.66
C GLY A 1 1.33 12.50 -16.42
N PRO A 2 1.19 11.20 -16.08
CA PRO A 2 -0.03 10.40 -16.18
C PRO A 2 -0.92 10.41 -14.93
N HIS A 3 -2.09 11.03 -15.06
CA HIS A 3 -3.22 10.74 -14.17
C HIS A 3 -3.69 9.30 -14.41
N SER A 4 -4.16 8.62 -13.36
CA SER A 4 -4.47 7.20 -13.47
C SER A 4 -5.65 6.79 -12.61
N MET A 5 -6.18 5.59 -12.87
CA MET A 5 -7.22 5.00 -12.05
C MET A 5 -7.07 3.50 -11.98
N ARG A 6 -6.97 2.93 -10.79
CA ARG A 6 -6.92 1.48 -10.63
C ARG A 6 -8.02 0.91 -9.75
N TYR A 7 -8.26 -0.39 -9.92
CA TYR A 7 -8.99 -1.20 -8.94
C TYR A 7 -8.13 -2.39 -8.59
N PHE A 8 -7.97 -2.60 -7.29
CA PHE A 8 -7.12 -3.65 -6.75
C PHE A 8 -8.07 -4.54 -6.05
N GLU A 9 -8.22 -5.74 -6.56
CA GLU A 9 -9.13 -6.68 -5.98
C GLU A 9 -8.36 -7.88 -5.48
N THR A 10 -8.89 -8.47 -4.41
CA THR A 10 -8.29 -9.58 -3.70
C THR A 10 -9.37 -10.56 -3.27
N ALA A 11 -9.14 -11.83 -3.53
CA ALA A 11 -10.07 -12.85 -3.11
C ALA A 11 -9.25 -13.92 -2.41
N VAL A 12 -9.50 -14.09 -1.12
CA VAL A 12 -8.87 -15.15 -0.35
C VAL A 12 -9.91 -16.23 -0.02
N SER A 13 -9.73 -17.41 -0.61
CA SER A 13 -10.64 -18.52 -0.34
C SER A 13 -10.46 -18.89 1.12
N ARG A 14 -11.56 -19.34 1.74
CA ARG A 14 -11.55 -19.72 3.16
C ARG A 14 -12.01 -21.18 3.28
N PRO A 15 -11.10 -22.08 3.69
CA PRO A 15 -11.45 -23.48 3.92
C PRO A 15 -12.65 -23.64 4.84
N GLY A 16 -13.54 -24.58 4.48
CA GLY A 16 -14.83 -24.75 5.16
C GLY A 16 -15.91 -23.86 4.56
N LEU A 17 -15.71 -22.55 4.71
CA LEU A 17 -16.71 -21.56 4.31
C LEU A 17 -17.07 -21.64 2.83
N GLU A 18 -18.26 -21.11 2.55
CA GLU A 18 -18.98 -21.44 1.33
C GLU A 18 -18.32 -20.67 0.18
N GLU A 19 -17.69 -19.54 0.54
CA GLU A 19 -17.03 -18.66 -0.41
C GLU A 19 -16.14 -17.61 0.29
N PRO A 20 -15.39 -16.79 -0.48
CA PRO A 20 -14.18 -16.17 0.01
C PRO A 20 -14.36 -14.76 0.50
N ARG A 21 -13.32 -14.22 1.13
CA ARG A 21 -13.30 -12.80 1.37
C ARG A 21 -12.80 -12.10 0.13
N TYR A 22 -13.52 -11.06 -0.26
CA TYR A 22 -13.25 -10.30 -1.47
C TYR A 22 -13.11 -8.84 -1.08
N ILE A 23 -12.05 -8.19 -1.54
CA ILE A 23 -11.88 -6.76 -1.28
C ILE A 23 -11.58 -6.07 -2.58
N SER A 24 -12.34 -5.01 -2.86
CA SER A 24 -12.06 -4.16 -4.00
C SER A 24 -11.64 -2.80 -3.48
N VAL A 25 -10.60 -2.22 -4.06
CA VAL A 25 -10.15 -0.91 -3.61
C VAL A 25 -9.82 -0.07 -4.83
N GLY A 26 -10.49 1.07 -4.99
CA GLY A 26 -10.31 1.91 -6.16
C GLY A 26 -9.36 3.05 -5.85
N TYR A 27 -8.45 3.34 -6.78
CA TYR A 27 -7.56 4.48 -6.61
C TYR A 27 -7.69 5.38 -7.82
N VAL A 28 -7.75 6.68 -7.56
CA VAL A 28 -7.51 7.69 -8.58
C VAL A 28 -6.23 8.44 -8.22
N ASP A 29 -5.39 8.69 -9.22
CA ASP A 29 -4.05 9.26 -9.01
C ASP A 29 -3.32 8.78 -7.76
N ASN A 30 -3.41 7.47 -7.56
CA ASN A 30 -2.90 6.77 -6.40
C ASN A 30 -3.62 6.93 -5.06
N LYS A 31 -4.52 7.90 -4.89
CA LYS A 31 -5.26 7.88 -3.62
C LYS A 31 -6.47 6.98 -3.67
N GLU A 32 -6.63 6.16 -2.63
CA GLU A 32 -7.84 5.40 -2.42
C GLU A 32 -9.03 6.35 -2.40
N PHE A 33 -10.07 6.02 -3.17
CA PHE A 33 -11.29 6.82 -3.17
C PHE A 33 -12.55 5.99 -3.03
N VAL A 34 -12.51 4.71 -3.37
CA VAL A 34 -13.61 3.79 -3.08
C VAL A 34 -13.06 2.46 -2.60
N ARG A 35 -13.94 1.67 -1.99
CA ARG A 35 -13.54 0.43 -1.33
C ARG A 35 -14.75 -0.42 -0.99
N PHE A 36 -14.69 -1.69 -1.36
CA PHE A 36 -15.70 -2.67 -0.98
C PHE A 36 -15.01 -3.76 -0.20
N ASP A 37 -15.64 -4.22 0.87
CA ASP A 37 -15.14 -5.38 1.63
C ASP A 37 -16.24 -6.32 2.13
N SER A 38 -16.13 -7.57 1.70
CA SER A 38 -17.23 -8.54 1.78
C SER A 38 -17.57 -9.01 3.18
N ASP A 39 -16.70 -8.82 4.16
CA ASP A 39 -17.01 -9.17 5.56
C ASP A 39 -17.44 -8.15 6.59
N ALA A 40 -17.65 -6.91 6.15
CA ALA A 40 -18.55 -5.81 6.53
C ALA A 40 -20.00 -6.20 6.85
N GLU A 41 -20.53 -5.65 7.94
CA GLU A 41 -21.92 -5.89 8.38
C GLU A 41 -22.90 -5.84 7.20
N ASN A 42 -23.09 -4.66 6.60
CA ASN A 42 -23.75 -4.55 5.29
C ASN A 42 -22.68 -4.28 4.23
N PRO A 43 -22.33 -5.31 3.42
CA PRO A 43 -21.24 -5.13 2.45
C PRO A 43 -21.63 -4.27 1.23
N ARG A 44 -20.94 -3.14 1.07
CA ARG A 44 -21.20 -2.20 -0.02
C ARG A 44 -19.90 -1.52 -0.43
N TYR A 45 -19.90 -0.90 -1.62
CA TYR A 45 -18.87 0.06 -1.96
C TYR A 45 -19.11 1.33 -1.14
N GLU A 46 -18.02 1.97 -0.72
CA GLU A 46 -18.07 3.17 0.12
C GLU A 46 -17.11 4.21 -0.40
N PRO A 47 -17.38 5.49 -0.16
CA PRO A 47 -16.38 6.49 -0.50
C PRO A 47 -15.21 6.43 0.45
N ARG A 48 -14.04 6.78 -0.07
CA ARG A 48 -12.81 6.86 0.69
C ARG A 48 -12.12 8.17 0.38
N ALA A 49 -12.92 9.15 -0.03
CA ALA A 49 -12.46 10.49 -0.29
C ALA A 49 -13.71 11.36 -0.21
N PRO A 50 -13.58 12.57 0.36
CA PRO A 50 -14.78 13.38 0.56
C PRO A 50 -15.55 13.59 -0.74
N TRP A 51 -14.81 13.88 -1.81
CA TRP A 51 -15.40 14.22 -3.10
C TRP A 51 -16.09 13.06 -3.83
N MET A 52 -16.28 11.93 -3.18
CA MET A 52 -17.11 10.83 -3.70
C MET A 52 -18.51 10.84 -3.13
N GLU A 53 -18.74 11.66 -2.11
CA GLU A 53 -20.10 11.84 -1.55
C GLU A 53 -20.99 12.55 -2.57
N GLN A 54 -20.35 13.26 -3.50
CA GLN A 54 -21.01 13.77 -4.69
C GLN A 54 -21.95 12.74 -5.30
N GLU A 55 -21.46 11.53 -5.62
CA GLU A 55 -22.21 10.58 -6.43
C GLU A 55 -23.52 10.16 -5.76
N GLY A 56 -24.47 9.72 -6.57
CA GLY A 56 -25.82 9.40 -6.12
C GLY A 56 -25.94 7.99 -5.58
N PRO A 57 -27.12 7.63 -5.07
CA PRO A 57 -27.33 6.33 -4.43
C PRO A 57 -27.40 5.18 -5.43
N GLU A 58 -27.61 5.52 -6.71
CA GLU A 58 -27.72 4.53 -7.78
C GLU A 58 -26.34 4.05 -8.20
N TYR A 59 -25.36 4.96 -8.09
CA TYR A 59 -23.96 4.63 -8.27
C TYR A 59 -23.56 3.48 -7.33
N TRP A 60 -23.67 3.74 -6.04
CA TRP A 60 -23.27 2.76 -5.02
C TRP A 60 -24.02 1.42 -5.18
N GLU A 61 -25.33 1.47 -5.39
CA GLU A 61 -26.08 0.23 -5.60
C GLU A 61 -25.54 -0.57 -6.77
N ARG A 62 -25.21 0.13 -7.85
CA ARG A 62 -24.77 -0.52 -9.09
C ARG A 62 -23.35 -1.07 -8.94
N GLU A 63 -22.46 -0.28 -8.33
CA GLU A 63 -21.10 -0.74 -8.03
C GLU A 63 -21.09 -1.86 -7.00
N THR A 64 -21.96 -1.79 -6.01
CA THR A 64 -22.11 -2.89 -5.03
C THR A 64 -22.56 -4.20 -5.69
N GLN A 65 -23.51 -4.13 -6.60
CA GLN A 65 -23.93 -5.36 -7.31
C GLN A 65 -22.82 -5.94 -8.20
N LYS A 66 -21.89 -5.09 -8.64
CA LYS A 66 -20.71 -5.51 -9.40
C LYS A 66 -19.75 -6.32 -8.53
N ALA A 67 -19.41 -5.77 -7.37
CA ALA A 67 -18.65 -6.49 -6.36
C ALA A 67 -19.23 -7.88 -6.10
N LYS A 68 -20.55 -7.96 -5.92
CA LYS A 68 -21.17 -9.25 -5.64
C LYS A 68 -20.91 -10.24 -6.77
N GLY A 69 -20.87 -9.74 -8.00
CA GLY A 69 -20.62 -10.55 -9.17
C GLY A 69 -19.16 -10.91 -9.25
N GLN A 70 -18.29 -9.96 -8.96
CA GLN A 70 -16.84 -10.18 -8.91
C GLN A 70 -16.51 -11.26 -7.88
N GLU A 71 -17.04 -11.04 -6.68
CA GLU A 71 -16.98 -12.00 -5.61
C GLU A 71 -17.18 -13.43 -6.11
N GLN A 72 -18.22 -13.64 -6.92
CA GLN A 72 -18.48 -14.99 -7.47
C GLN A 72 -17.52 -15.36 -8.60
N TRP A 73 -17.15 -14.38 -9.42
CA TRP A 73 -16.13 -14.58 -10.46
C TRP A 73 -14.84 -15.10 -9.81
N PHE A 74 -14.53 -14.56 -8.64
CA PHE A 74 -13.34 -15.02 -7.91
C PHE A 74 -13.57 -16.39 -7.26
N ARG A 75 -14.64 -16.56 -6.49
CA ARG A 75 -15.05 -17.90 -6.03
C ARG A 75 -14.87 -18.99 -7.10
N VAL A 76 -15.34 -18.72 -8.31
CA VAL A 76 -15.17 -19.69 -9.39
C VAL A 76 -13.71 -19.84 -9.78
N SER A 77 -13.10 -18.71 -10.14
CA SER A 77 -11.74 -18.72 -10.62
C SER A 77 -10.83 -19.43 -9.60
N LEU A 78 -11.08 -19.21 -8.31
CA LEU A 78 -10.36 -19.94 -7.25
C LEU A 78 -10.50 -21.45 -7.39
N ARG A 79 -11.73 -21.94 -7.29
CA ARG A 79 -12.03 -23.35 -7.53
C ARG A 79 -11.28 -23.88 -8.77
N ASN A 80 -11.24 -23.08 -9.85
CA ASN A 80 -10.65 -23.54 -11.10
C ASN A 80 -9.14 -23.68 -11.05
N LEU A 81 -8.49 -22.73 -10.41
CA LEU A 81 -7.03 -22.76 -10.29
C LEU A 81 -6.59 -23.92 -9.40
N LEU A 82 -7.42 -24.22 -8.41
CA LEU A 82 -7.22 -25.38 -7.53
C LEU A 82 -6.97 -26.62 -8.37
N GLY A 83 -7.74 -26.76 -9.44
CA GLY A 83 -7.58 -27.91 -10.32
C GLY A 83 -6.29 -27.85 -11.11
N TYR A 84 -6.02 -26.68 -11.69
CA TYR A 84 -4.86 -26.45 -12.54
C TYR A 84 -3.54 -26.76 -11.81
N TYR A 85 -3.46 -26.40 -10.53
CA TYR A 85 -2.24 -26.62 -9.75
C TYR A 85 -2.38 -27.78 -8.75
N ASN A 86 -3.42 -28.59 -8.93
CA ASN A 86 -3.60 -29.75 -8.06
C ASN A 86 -3.54 -29.37 -6.60
N GLN A 87 -4.39 -28.44 -6.19
CA GLN A 87 -4.44 -28.02 -4.81
C GLN A 87 -5.73 -28.49 -4.15
N SER A 88 -5.77 -28.52 -2.83
CA SER A 88 -6.99 -28.91 -2.11
C SER A 88 -7.71 -27.63 -1.70
N ALA A 89 -8.91 -27.76 -1.14
CA ALA A 89 -9.61 -26.59 -0.54
C ALA A 89 -9.41 -26.52 0.97
N GLY A 90 -8.48 -27.32 1.49
CA GLY A 90 -8.17 -27.30 2.91
C GLY A 90 -7.32 -26.12 3.35
N GLY A 91 -6.58 -25.54 2.40
CA GLY A 91 -5.73 -24.38 2.67
C GLY A 91 -6.27 -23.17 1.94
N SER A 92 -5.99 -21.98 2.48
CA SER A 92 -6.49 -20.73 1.93
C SER A 92 -5.69 -20.39 0.69
N HIS A 93 -6.33 -19.75 -0.30
CA HIS A 93 -5.61 -19.27 -1.52
C HIS A 93 -6.00 -17.86 -1.93
N THR A 94 -5.09 -17.19 -2.61
CA THR A 94 -5.22 -15.77 -2.85
C THR A 94 -5.14 -15.48 -4.32
N LEU A 95 -6.11 -14.73 -4.82
CA LEU A 95 -6.15 -14.35 -6.21
C LEU A 95 -6.30 -12.86 -6.22
N GLN A 96 -5.50 -12.17 -7.01
CA GLN A 96 -5.51 -10.71 -7.02
C GLN A 96 -5.65 -10.12 -8.42
N GLN A 97 -6.22 -8.91 -8.47
CA GLN A 97 -6.42 -8.23 -9.75
C GLN A 97 -5.98 -6.78 -9.65
N MET A 98 -5.20 -6.35 -10.62
CA MET A 98 -4.96 -4.93 -10.84
C MET A 98 -5.50 -4.60 -12.21
N SER A 99 -6.26 -3.52 -12.29
CA SER A 99 -6.79 -3.11 -13.56
C SER A 99 -7.10 -1.63 -13.57
N GLY A 100 -7.14 -1.04 -14.76
CA GLY A 100 -7.45 0.36 -14.95
C GLY A 100 -6.61 1.02 -16.03
N CYS A 101 -6.63 2.35 -16.04
CA CYS A 101 -6.12 3.13 -17.15
C CYS A 101 -5.28 4.31 -16.69
N ASP A 102 -4.21 4.59 -17.44
CA ASP A 102 -3.44 5.82 -17.31
C ASP A 102 -3.82 6.78 -18.46
N LEU A 103 -3.94 8.07 -18.15
CA LEU A 103 -4.13 9.11 -19.16
C LEU A 103 -2.83 9.89 -19.37
N GLY A 104 -2.31 9.88 -20.60
CA GLY A 104 -1.13 10.66 -20.98
C GLY A 104 -1.43 12.12 -20.85
N SER A 105 -0.41 12.98 -20.94
CA SER A 105 -0.57 14.43 -20.67
C SER A 105 -1.50 15.12 -21.68
N ASP A 106 -1.73 14.46 -22.81
CA ASP A 106 -2.79 14.84 -23.76
C ASP A 106 -4.20 14.33 -23.40
N TRP A 107 -4.35 13.71 -22.24
CA TRP A 107 -5.66 13.30 -21.67
C TRP A 107 -6.33 12.12 -22.37
N ARG A 108 -5.64 11.53 -23.35
CA ARG A 108 -6.17 10.39 -24.07
C ARG A 108 -5.63 9.18 -23.32
N LEU A 109 -6.27 8.03 -23.49
CA LEU A 109 -5.79 6.79 -22.91
C LEU A 109 -4.34 6.55 -23.32
N LEU A 110 -3.47 6.30 -22.36
CA LEU A 110 -2.08 6.03 -22.63
C LEU A 110 -1.85 4.53 -22.54
N ARG A 111 -2.11 3.96 -21.37
CA ARG A 111 -2.00 2.50 -21.20
C ARG A 111 -3.21 1.91 -20.47
N GLY A 112 -3.53 0.66 -20.79
CA GLY A 112 -4.57 -0.10 -20.13
C GLY A 112 -3.91 -1.15 -19.25
N TYR A 113 -4.59 -1.57 -18.20
CA TYR A 113 -4.06 -2.59 -17.33
C TYR A 113 -5.14 -3.57 -16.93
N LEU A 114 -4.79 -4.83 -16.97
CA LEU A 114 -5.65 -5.89 -16.57
C LEU A 114 -4.72 -7.04 -16.30
N GLN A 115 -4.39 -7.24 -15.03
CA GLN A 115 -3.46 -8.29 -14.67
C GLN A 115 -3.86 -9.01 -13.40
N PHE A 116 -3.40 -10.25 -13.29
CA PHE A 116 -3.75 -11.10 -12.19
C PHE A 116 -2.54 -11.69 -11.57
N ALA A 117 -2.68 -12.01 -10.29
CA ALA A 117 -1.68 -12.76 -9.55
C ALA A 117 -2.41 -13.88 -8.85
N TYR A 118 -1.76 -15.04 -8.76
CA TYR A 118 -2.22 -16.11 -7.89
C TYR A 118 -1.15 -16.37 -6.85
N GLU A 119 -1.58 -16.58 -5.61
CA GLU A 119 -0.66 -16.76 -4.48
C GLU A 119 0.38 -15.67 -4.51
N GLY A 120 -0.01 -14.50 -4.97
CA GLY A 120 0.91 -13.36 -5.00
C GLY A 120 2.03 -13.40 -6.02
N ARG A 121 1.89 -14.22 -7.06
CA ARG A 121 2.82 -14.20 -8.20
C ARG A 121 2.03 -13.87 -9.45
N ASP A 122 2.66 -13.23 -10.42
CA ASP A 122 2.01 -13.01 -11.72
C ASP A 122 1.42 -14.29 -12.25
N TYR A 123 0.23 -14.20 -12.82
CA TYR A 123 -0.44 -15.35 -13.43
C TYR A 123 -0.76 -15.05 -14.88
N ILE A 124 -1.57 -14.02 -15.10
CA ILE A 124 -1.97 -13.66 -16.45
C ILE A 124 -2.18 -12.16 -16.45
N ALA A 125 -1.66 -11.51 -17.49
CA ALA A 125 -1.82 -10.10 -17.66
C ALA A 125 -2.21 -9.82 -19.10
N LEU A 126 -3.05 -8.80 -19.28
CA LEU A 126 -3.39 -8.32 -20.62
C LEU A 126 -2.23 -7.46 -21.13
N ASN A 127 -1.78 -7.73 -22.35
CA ASN A 127 -0.72 -6.99 -22.95
C ASN A 127 -1.20 -5.58 -23.20
N GLU A 128 -0.25 -4.70 -23.49
CA GLU A 128 -0.53 -3.30 -23.74
C GLU A 128 -1.40 -3.15 -24.99
N ASP A 129 -1.18 -3.99 -25.99
CA ASP A 129 -2.04 -3.98 -27.19
C ASP A 129 -3.53 -4.11 -26.87
N LEU A 130 -3.85 -4.73 -25.74
CA LEU A 130 -5.23 -4.93 -25.25
C LEU A 130 -5.95 -6.01 -26.07
N LYS A 131 -5.15 -6.83 -26.74
CA LYS A 131 -5.63 -7.90 -27.62
C LYS A 131 -5.16 -9.24 -27.08
N THR A 132 -3.90 -9.32 -26.66
CA THR A 132 -3.27 -10.59 -26.25
C THR A 132 -2.93 -10.67 -24.73
N TRP A 133 -2.35 -11.79 -24.32
CA TRP A 133 -2.05 -12.03 -22.91
C TRP A 133 -0.64 -12.53 -22.77
N THR A 134 -0.07 -12.30 -21.59
CA THR A 134 1.13 -13.01 -21.19
C THR A 134 0.76 -13.91 -20.05
N ALA A 135 1.30 -15.12 -20.04
CA ALA A 135 0.95 -16.15 -19.09
C ALA A 135 2.24 -16.55 -18.42
N ALA A 136 2.21 -16.60 -17.08
CA ALA A 136 3.41 -16.88 -16.29
C ALA A 136 3.75 -18.36 -16.29
N ASP A 137 2.73 -19.18 -16.07
CA ASP A 137 2.89 -20.63 -15.89
C ASP A 137 2.44 -21.40 -17.09
N MET A 138 2.61 -22.71 -17.00
CA MET A 138 1.80 -23.61 -17.78
C MET A 138 0.36 -23.41 -17.35
N ALA A 139 0.14 -23.41 -16.04
CA ALA A 139 -1.21 -23.21 -15.50
C ALA A 139 -1.94 -22.01 -16.10
N ALA A 140 -1.22 -20.91 -16.37
CA ALA A 140 -1.82 -19.73 -16.98
C ALA A 140 -2.17 -19.94 -18.45
N GLN A 141 -1.49 -20.88 -19.09
CA GLN A 141 -1.80 -21.26 -20.47
C GLN A 141 -3.21 -21.83 -20.61
N ILE A 142 -3.64 -22.63 -19.62
CA ILE A 142 -5.01 -23.15 -19.61
C ILE A 142 -5.96 -21.96 -19.62
N THR A 143 -5.79 -21.03 -18.67
CA THR A 143 -6.60 -19.81 -18.65
C THR A 143 -6.42 -18.98 -19.94
N ARG A 144 -5.21 -18.92 -20.47
CA ARG A 144 -4.96 -18.09 -21.65
C ARG A 144 -5.73 -18.60 -22.86
N ARG A 145 -5.60 -19.91 -23.15
CA ARG A 145 -6.34 -20.51 -24.26
C ARG A 145 -7.86 -20.40 -24.08
N LYS A 146 -8.32 -20.51 -22.84
CA LYS A 146 -9.72 -20.20 -22.49
C LYS A 146 -10.12 -18.77 -22.89
N TRP A 147 -9.30 -17.80 -22.50
CA TRP A 147 -9.62 -16.37 -22.75
C TRP A 147 -9.40 -15.94 -24.19
N GLU A 148 -8.40 -16.53 -24.86
CA GLU A 148 -8.29 -16.45 -26.31
C GLU A 148 -9.52 -17.09 -26.95
N GLN A 149 -9.90 -18.27 -26.45
CA GLN A 149 -11.11 -18.96 -26.94
C GLN A 149 -12.27 -18.00 -26.89
N SER A 150 -12.58 -17.51 -25.69
CA SER A 150 -13.85 -16.82 -25.44
C SER A 150 -13.89 -15.36 -25.88
N GLY A 151 -12.82 -14.85 -26.46
CA GLY A 151 -12.70 -13.43 -26.78
C GLY A 151 -12.85 -12.54 -25.55
N ALA A 152 -12.19 -12.92 -24.46
CA ALA A 152 -12.21 -12.14 -23.20
C ALA A 152 -11.55 -10.77 -23.36
N ALA A 153 -10.43 -10.71 -24.10
CA ALA A 153 -9.64 -9.48 -24.22
C ALA A 153 -10.41 -8.27 -24.69
N GLU A 154 -11.36 -8.47 -25.61
CA GLU A 154 -12.06 -7.34 -26.22
C GLU A 154 -12.94 -6.63 -25.24
N HIS A 155 -13.73 -7.41 -24.54
CA HIS A 155 -14.64 -6.88 -23.56
C HIS A 155 -13.90 -6.09 -22.49
N TYR A 156 -12.77 -6.60 -22.01
CA TYR A 156 -11.91 -5.84 -21.08
C TYR A 156 -11.37 -4.62 -21.82
N LYS A 157 -10.99 -4.77 -23.08
CA LYS A 157 -10.57 -3.60 -23.88
C LYS A 157 -11.64 -2.49 -23.84
N ALA A 158 -12.91 -2.88 -24.01
CA ALA A 158 -13.98 -1.91 -23.98
C ALA A 158 -14.03 -1.16 -22.64
N TYR A 159 -13.93 -1.87 -21.52
CA TYR A 159 -13.91 -1.24 -20.19
C TYR A 159 -12.75 -0.25 -20.14
N LEU A 160 -11.57 -0.73 -20.45
CA LEU A 160 -10.36 0.05 -20.36
C LEU A 160 -10.41 1.32 -21.19
N GLU A 161 -11.00 1.26 -22.38
CA GLU A 161 -11.04 2.45 -23.24
C GLU A 161 -12.27 3.30 -22.97
N GLY A 162 -13.34 2.68 -22.46
CA GLY A 162 -14.60 3.37 -22.19
C GLY A 162 -14.74 3.82 -20.76
N GLU A 163 -15.52 3.04 -20.00
CA GLU A 163 -15.80 3.32 -18.58
C GLU A 163 -14.58 3.73 -17.77
N CYS A 164 -13.43 3.14 -18.03
CA CYS A 164 -12.24 3.57 -17.30
C CYS A 164 -11.90 5.02 -17.56
N VAL A 165 -11.98 5.43 -18.82
CA VAL A 165 -11.56 6.77 -19.20
C VAL A 165 -12.69 7.75 -18.89
N GLU A 166 -13.91 7.30 -19.11
CA GLU A 166 -15.08 8.13 -18.82
C GLU A 166 -15.04 8.51 -17.35
N TRP A 167 -14.95 7.51 -16.49
CA TRP A 167 -15.10 7.72 -15.07
C TRP A 167 -13.85 8.31 -14.43
N LEU A 168 -12.67 7.89 -14.89
CA LEU A 168 -11.49 8.58 -14.43
C LEU A 168 -11.73 10.06 -14.64
N HIS A 169 -12.07 10.45 -15.87
CA HIS A 169 -12.30 11.88 -16.21
C HIS A 169 -13.21 12.59 -15.22
N ARG A 170 -14.36 11.99 -14.94
CA ARG A 170 -15.35 12.58 -14.04
C ARG A 170 -14.83 12.66 -12.59
N TYR A 171 -14.09 11.66 -12.15
CA TYR A 171 -13.51 11.67 -10.79
C TYR A 171 -12.43 12.76 -10.67
N LEU A 172 -11.73 13.05 -11.76
CA LEU A 172 -10.69 14.08 -11.74
C LEU A 172 -11.27 15.50 -11.66
N LYS A 173 -12.48 15.70 -12.21
CA LYS A 173 -13.14 17.00 -12.12
C LYS A 173 -13.65 17.18 -10.72
N ASN A 174 -14.24 16.11 -10.17
CA ASN A 174 -14.83 16.14 -8.84
C ASN A 174 -13.87 16.39 -7.70
N GLY A 175 -12.65 15.88 -7.82
CA GLY A 175 -11.69 15.94 -6.72
C GLY A 175 -10.59 16.96 -6.87
N ASN A 176 -10.67 17.78 -7.93
CA ASN A 176 -9.55 18.61 -8.41
C ASN A 176 -8.67 19.20 -7.30
N ALA A 177 -9.30 19.99 -6.42
CA ALA A 177 -8.64 20.51 -5.23
C ALA A 177 -7.95 19.41 -4.42
N THR A 178 -8.71 18.39 -4.04
CA THR A 178 -8.19 17.34 -3.16
C THR A 178 -7.05 16.52 -3.81
N LEU A 179 -7.15 16.28 -5.11
CA LEU A 179 -6.17 15.46 -5.83
C LEU A 179 -4.89 16.24 -6.14
N LEU A 180 -4.99 17.56 -6.26
CA LEU A 180 -3.79 18.39 -6.38
C LEU A 180 -3.16 18.74 -5.01
N ARG A 181 -3.83 18.39 -3.91
CA ARG A 181 -3.35 18.79 -2.57
C ARG A 181 -1.97 18.20 -2.26
N THR A 182 -1.18 18.99 -1.52
CA THR A 182 0.13 18.60 -1.03
C THR A 182 0.42 19.22 0.34
N ASP A 183 0.85 18.41 1.30
CA ASP A 183 1.36 18.90 2.58
C ASP A 183 2.87 18.91 2.54
N SER A 184 3.47 19.96 3.06
CA SER A 184 4.92 20.09 3.05
C SER A 184 5.56 19.36 4.22
N PRO A 185 6.73 18.75 3.97
CA PRO A 185 7.46 18.11 5.07
C PRO A 185 8.03 19.14 6.02
N LYS A 186 7.83 18.90 7.31
CA LYS A 186 8.52 19.64 8.37
C LYS A 186 9.71 18.80 8.81
N ALA A 187 10.91 19.34 8.61
CA ALA A 187 12.13 18.58 8.84
C ALA A 187 12.90 19.01 10.09
N HIS A 188 13.72 18.09 10.60
CA HIS A 188 14.71 18.39 11.62
C HIS A 188 15.78 17.30 11.58
N VAL A 189 17.00 17.67 11.94
CA VAL A 189 18.10 16.71 12.05
C VAL A 189 18.40 16.49 13.52
N THR A 190 18.54 15.22 13.91
CA THR A 190 18.83 14.85 15.30
C THR A 190 20.21 14.24 15.40
N HIS A 191 20.78 14.30 16.61
CA HIS A 191 22.16 13.86 16.88
C HIS A 191 22.12 12.64 17.82
N HIS A 192 22.78 11.56 17.42
CA HIS A 192 22.86 10.37 18.25
C HIS A 192 24.29 9.86 18.32
N PRO A 193 24.78 9.60 19.54
CA PRO A 193 26.05 8.87 19.64
C PRO A 193 25.91 7.48 19.04
N ARG A 194 26.99 6.94 18.48
CA ARG A 194 26.93 5.60 17.85
C ARG A 194 28.21 4.83 18.23
N SER A 195 29.35 5.41 17.89
CA SER A 195 30.66 4.80 18.05
C SER A 195 31.45 5.80 18.86
N LYS A 196 32.77 5.68 18.92
CA LYS A 196 33.62 6.68 19.57
C LYS A 196 34.92 6.85 18.80
N GLY A 197 35.19 8.03 18.22
CA GLY A 197 34.33 9.20 18.23
C GLY A 197 33.64 9.43 16.89
N GLU A 198 32.86 8.43 16.46
CA GLU A 198 31.97 8.55 15.30
C GLU A 198 30.52 8.72 15.83
N VAL A 199 29.70 9.48 15.11
CA VAL A 199 28.31 9.75 15.52
C VAL A 199 27.27 9.67 14.37
N THR A 200 26.01 9.46 14.76
CA THR A 200 24.91 9.38 13.79
C THR A 200 24.16 10.70 13.74
N LEU A 201 24.02 11.21 12.51
CA LEU A 201 23.17 12.35 12.23
C LEU A 201 22.00 11.85 11.37
N ARG A 202 20.78 12.16 11.82
CA ARG A 202 19.57 11.67 11.18
C ARG A 202 18.62 12.82 10.86
N CYS A 203 18.36 12.99 9.57
CA CYS A 203 17.49 14.03 9.08
C CYS A 203 16.10 13.43 8.91
N TRP A 204 15.14 14.01 9.61
CA TRP A 204 13.76 13.55 9.55
C TRP A 204 12.96 14.46 8.66
N ALA A 205 12.00 13.88 7.93
CA ALA A 205 10.98 14.66 7.22
C ALA A 205 9.64 14.14 7.73
N LEU A 206 8.78 15.04 8.20
CA LEU A 206 7.55 14.64 8.87
C LEU A 206 6.35 15.41 8.37
N GLY A 207 5.21 14.73 8.26
CA GLY A 207 3.94 15.38 7.99
C GLY A 207 3.72 15.77 6.54
N PHE A 208 4.29 15.01 5.62
CA PHE A 208 4.15 15.33 4.21
C PHE A 208 3.15 14.45 3.47
N TYR A 209 2.75 14.94 2.31
CA TYR A 209 1.84 14.26 1.41
C TYR A 209 1.91 14.93 0.05
N PRO A 210 1.98 14.15 -1.04
CA PRO A 210 2.02 12.68 -1.09
C PRO A 210 3.31 12.10 -0.50
N ALA A 211 3.43 10.78 -0.54
CA ALA A 211 4.55 10.08 0.09
C ALA A 211 5.83 10.17 -0.72
N ASP A 212 5.72 10.54 -1.99
CA ASP A 212 6.89 10.68 -2.85
C ASP A 212 7.79 11.79 -2.29
N ILE A 213 9.03 11.45 -1.97
CA ILE A 213 9.92 12.38 -1.31
C ILE A 213 11.34 11.93 -1.48
N THR A 214 12.26 12.89 -1.49
CA THR A 214 13.65 12.54 -1.59
C THR A 214 14.41 13.22 -0.47
N LEU A 215 15.20 12.43 0.25
CA LEU A 215 16.11 12.92 1.26
C LEU A 215 17.53 12.65 0.76
N THR A 216 18.39 13.65 0.84
CA THR A 216 19.78 13.45 0.48
C THR A 216 20.65 14.13 1.52
N TRP A 217 21.77 13.48 1.85
CA TRP A 217 22.78 14.08 2.70
C TRP A 217 23.88 14.67 1.82
N GLN A 218 24.66 15.59 2.39
CA GLN A 218 25.76 16.23 1.67
C GLN A 218 26.89 16.57 2.63
N LEU A 219 28.10 16.17 2.26
CA LEU A 219 29.33 16.54 2.97
C LEU A 219 30.21 17.65 2.40
N ASN A 220 29.66 18.86 2.31
CA ASN A 220 30.09 19.93 1.40
C ASN A 220 29.77 19.65 -0.07
N GLY A 221 30.22 18.50 -0.58
CA GLY A 221 29.90 17.96 -1.91
C GLY A 221 28.54 17.31 -2.05
N GLU A 222 28.51 15.98 -2.27
CA GLU A 222 27.27 15.25 -2.62
C GLU A 222 27.36 13.71 -2.40
N GLU A 223 26.54 13.16 -1.50
CA GLU A 223 26.58 11.71 -1.20
C GLU A 223 25.74 10.87 -2.16
N GLN A 226 30.39 6.42 2.99
CA GLN A 226 29.56 6.92 1.89
C GLN A 226 28.07 6.56 2.06
N ASP A 227 27.78 5.42 2.69
CA ASP A 227 26.39 4.96 2.84
C ASP A 227 25.65 5.63 4.01
N MET A 228 24.65 6.44 3.65
CA MET A 228 23.62 6.90 4.57
C MET A 228 22.54 5.82 4.62
N GLU A 229 22.10 5.43 5.82
CA GLU A 229 20.97 4.52 5.91
C GLU A 229 19.73 5.36 5.72
N LEU A 230 18.76 4.82 4.99
CA LEU A 230 17.45 5.43 4.92
C LEU A 230 16.40 4.36 5.23
N VAL A 231 15.16 4.79 5.42
CA VAL A 231 14.07 3.86 5.69
C VAL A 231 12.92 4.07 4.71
N GLU A 232 12.18 3.01 4.48
CA GLU A 232 11.07 3.06 3.52
C GLU A 232 10.03 4.01 4.08
N THR A 233 9.55 4.92 3.23
CA THR A 233 8.56 5.92 3.62
C THR A 233 7.44 5.24 4.37
N ARG A 234 6.93 5.91 5.41
CA ARG A 234 6.00 5.29 6.37
C ARG A 234 4.82 6.19 6.65
N PRO A 235 3.60 5.63 6.66
CA PRO A 235 2.46 6.42 7.01
C PRO A 235 2.51 6.82 8.49
N ALA A 236 2.08 8.03 8.80
CA ALA A 236 1.99 8.50 10.18
C ALA A 236 0.66 8.03 10.80
N GLY A 237 -0.32 7.76 9.94
CA GLY A 237 -1.64 7.30 10.36
C GLY A 237 -2.68 8.39 10.25
N ASP A 238 -2.20 9.60 9.99
CA ASP A 238 -3.06 10.76 9.84
C ASP A 238 -3.15 11.20 8.39
N GLY A 239 -2.75 10.36 7.45
CA GLY A 239 -2.75 10.73 6.03
C GLY A 239 -1.43 11.31 5.56
N THR A 240 -0.59 11.77 6.49
CA THR A 240 0.72 12.29 6.13
C THR A 240 1.73 11.16 6.23
N PHE A 241 2.97 11.45 5.84
CA PHE A 241 4.03 10.44 5.80
C PHE A 241 5.33 10.89 6.47
N GLN A 242 6.18 9.90 6.68
CA GLN A 242 7.42 10.06 7.40
C GLN A 242 8.55 9.36 6.64
N LYS A 243 9.71 9.99 6.63
CA LYS A 243 10.92 9.32 6.22
C LYS A 243 12.09 9.92 6.98
N TRP A 244 13.13 9.10 7.13
CA TRP A 244 14.39 9.61 7.57
C TRP A 244 15.55 9.02 6.78
N ALA A 245 16.63 9.80 6.76
CA ALA A 245 17.89 9.41 6.18
C ALA A 245 18.92 9.78 7.22
N SER A 246 19.69 8.79 7.66
CA SER A 246 20.75 9.02 8.65
C SER A 246 22.10 8.90 7.99
N VAL A 247 23.14 9.32 8.72
CA VAL A 247 24.50 9.15 8.23
C VAL A 247 25.52 9.03 9.41
N VAL A 248 26.64 8.38 9.12
CA VAL A 248 27.73 8.19 10.10
C VAL A 248 28.79 9.29 9.94
N VAL A 249 29.02 10.07 11.00
CA VAL A 249 29.80 11.30 10.95
C VAL A 249 30.88 11.36 12.06
N PRO A 250 32.04 12.01 11.79
CA PRO A 250 33.05 12.26 12.83
C PRO A 250 32.67 13.31 13.89
N LEU A 251 33.09 13.10 15.14
CA LEU A 251 32.66 13.92 16.29
C LEU A 251 33.25 15.33 16.23
N GLY A 252 32.39 16.34 16.26
CA GLY A 252 32.79 17.74 16.06
C GLY A 252 32.65 18.14 14.60
N LYS A 253 33.20 17.31 13.71
CA LYS A 253 33.33 17.61 12.28
C LYS A 253 32.01 17.36 11.52
N GLU A 254 30.90 17.84 12.08
CA GLU A 254 29.57 17.52 11.56
C GLU A 254 28.70 18.72 11.20
N GLN A 255 29.24 19.92 11.38
CA GLN A 255 28.57 21.14 10.89
C GLN A 255 28.71 21.23 9.36
N ASN A 256 29.63 20.45 8.80
CA ASN A 256 29.87 20.40 7.34
C ASN A 256 28.86 19.56 6.59
N TYR A 257 27.81 19.12 7.30
CA TYR A 257 26.93 18.06 6.83
C TYR A 257 25.50 18.56 6.67
N THR A 258 24.99 18.41 5.46
CA THR A 258 23.76 19.07 5.01
C THR A 258 22.73 18.06 4.52
N CYS A 259 21.46 18.28 4.85
CA CYS A 259 20.37 17.45 4.37
C CYS A 259 19.49 18.25 3.43
N ARG A 260 18.98 17.61 2.38
CA ARG A 260 18.00 18.24 1.51
C ARG A 260 16.72 17.39 1.40
N VAL A 261 15.58 18.06 1.45
CA VAL A 261 14.29 17.42 1.36
C VAL A 261 13.59 17.94 0.12
N TYR A 262 13.36 17.04 -0.83
CA TYR A 262 12.63 17.38 -2.06
C TYR A 262 11.23 16.79 -2.02
N HIS A 263 10.25 17.69 -2.06
CA HIS A 263 8.87 17.28 -1.99
C HIS A 263 8.07 18.27 -2.78
N GLU A 264 7.19 17.79 -3.65
CA GLU A 264 6.49 18.66 -4.59
C GLU A 264 5.73 19.80 -3.90
N GLY A 265 5.18 19.54 -2.72
CA GLY A 265 4.48 20.55 -1.94
C GLY A 265 5.38 21.64 -1.39
N LEU A 266 6.68 21.38 -1.33
CA LEU A 266 7.66 22.40 -0.91
C LEU A 266 7.83 23.49 -1.99
N PRO A 267 7.72 24.77 -1.62
CA PRO A 267 7.98 25.84 -2.60
C PRO A 267 9.44 25.83 -3.02
N GLU A 268 10.27 25.30 -2.12
CA GLU A 268 11.71 25.27 -2.29
C GLU A 268 12.24 24.06 -1.53
N PRO A 269 13.21 23.32 -2.12
CA PRO A 269 13.82 22.22 -1.37
C PRO A 269 14.49 22.72 -0.09
N LEU A 270 14.24 22.04 1.03
CA LEU A 270 14.76 22.46 2.33
C LEU A 270 16.21 22.07 2.49
N THR A 271 16.97 22.92 3.18
CA THR A 271 18.34 22.60 3.56
C THR A 271 18.45 22.65 5.08
N LEU A 272 18.94 21.56 5.67
CA LEU A 272 19.06 21.45 7.12
C LEU A 272 20.45 20.96 7.49
N ARG A 273 20.83 21.24 8.73
CA ARG A 273 22.02 20.67 9.34
C ARG A 273 21.84 20.71 10.87
N TRP A 274 22.70 20.00 11.59
CA TRP A 274 22.59 19.88 13.05
C TRP A 274 22.90 21.19 13.77
N GLU A 275 22.13 21.45 14.83
CA GLU A 275 22.19 22.70 15.58
C GLU A 275 21.74 22.42 17.02
N PRO A 276 22.68 22.43 18.00
CA PRO A 276 22.30 22.20 19.40
C PRO A 276 21.71 23.44 20.07
N ILE B 1 3.99 -17.69 -4.13
CA ILE B 1 4.15 -18.37 -2.81
C ILE B 1 4.20 -17.34 -1.62
N GLN B 2 5.19 -17.42 -0.71
CA GLN B 2 5.13 -16.74 0.59
C GLN B 2 6.25 -15.73 0.87
N LYS B 3 5.87 -14.45 0.99
CA LYS B 3 6.83 -13.37 1.26
C LYS B 3 6.75 -12.96 2.73
N THR B 4 7.92 -12.77 3.35
CA THR B 4 8.01 -12.56 4.80
C THR B 4 7.88 -11.05 5.11
N PRO B 5 7.01 -10.67 6.05
CA PRO B 5 6.76 -9.26 6.33
C PRO B 5 7.97 -8.47 6.85
N GLN B 6 8.03 -7.19 6.45
CA GLN B 6 8.96 -6.21 7.01
C GLN B 6 8.17 -5.35 7.96
N ILE B 7 8.89 -4.67 8.86
CA ILE B 7 8.27 -3.96 9.98
C ILE B 7 9.06 -2.73 10.36
N GLN B 8 8.34 -1.62 10.46
CA GLN B 8 8.84 -0.44 11.12
C GLN B 8 7.94 -0.17 12.31
N VAL B 9 8.55 0.03 13.46
CA VAL B 9 7.83 0.56 14.60
C VAL B 9 8.30 1.99 14.80
N TYR B 10 7.33 2.88 14.97
CA TYR B 10 7.60 4.29 15.07
C TYR B 10 6.36 5.00 15.57
N SER B 11 6.54 6.19 16.13
CA SER B 11 5.41 7.03 16.53
C SER B 11 5.00 7.99 15.43
N ARG B 12 3.77 8.50 15.55
CA ARG B 12 3.20 9.47 14.62
C ARG B 12 3.89 10.80 14.81
N HIS B 13 3.94 11.24 16.06
CA HIS B 13 4.55 12.53 16.41
C HIS B 13 5.84 12.26 17.15
N PRO B 14 6.80 13.20 17.05
CA PRO B 14 8.05 12.96 17.75
C PRO B 14 7.80 12.63 19.22
N PRO B 15 8.58 11.68 19.77
CA PRO B 15 8.36 11.26 21.15
C PRO B 15 8.72 12.34 22.21
N GLU B 16 7.91 12.41 23.25
CA GLU B 16 8.21 13.25 24.41
C GLU B 16 7.74 12.53 25.66
N ASN B 17 8.65 12.30 26.60
CA ASN B 17 8.30 11.67 27.88
C ASN B 17 7.08 12.36 28.51
N GLY B 18 5.99 11.62 28.68
CA GLY B 18 4.76 12.14 29.27
C GLY B 18 3.66 12.46 28.27
N LYS B 19 4.06 12.85 27.05
CA LYS B 19 3.11 13.28 26.02
C LYS B 19 2.40 12.10 25.31
N PRO B 20 1.05 12.03 25.41
CA PRO B 20 0.31 10.97 24.71
C PRO B 20 0.54 11.08 23.22
N ASN B 21 0.43 9.95 22.53
CA ASN B 21 0.88 9.86 21.16
C ASN B 21 0.23 8.65 20.51
N ILE B 22 0.60 8.35 19.27
CA ILE B 22 0.20 7.12 18.62
C ILE B 22 1.43 6.34 18.20
N LEU B 23 1.45 5.05 18.54
CA LEU B 23 2.53 4.17 18.09
C LEU B 23 2.03 3.37 16.89
N ASN B 24 2.85 3.33 15.84
CA ASN B 24 2.47 2.68 14.61
C ASN B 24 3.31 1.44 14.40
N CYS B 25 2.70 0.42 13.80
CA CYS B 25 3.43 -0.72 13.33
C CYS B 25 3.13 -0.99 11.85
N TYR B 26 4.01 -0.47 10.98
CA TYR B 26 3.81 -0.59 9.55
C TYR B 26 4.45 -1.88 9.06
N VAL B 27 3.59 -2.80 8.68
CA VAL B 27 3.99 -4.07 8.15
C VAL B 27 3.65 -4.08 6.66
N THR B 28 4.64 -4.48 5.87
CA THR B 28 4.57 -4.36 4.44
C THR B 28 5.20 -5.60 3.87
N GLN B 29 5.07 -5.73 2.56
CA GLN B 29 5.84 -6.69 1.81
C GLN B 29 5.55 -8.16 2.16
N PHE B 30 4.33 -8.46 2.57
CA PHE B 30 4.00 -9.84 2.98
C PHE B 30 2.93 -10.50 2.15
N HIS B 31 2.88 -11.82 2.26
CA HIS B 31 1.93 -12.65 1.54
C HIS B 31 1.98 -14.08 2.06
N PRO B 32 0.82 -14.69 2.34
CA PRO B 32 -0.56 -14.28 2.15
C PRO B 32 -1.03 -13.19 3.08
N PRO B 33 -2.18 -12.60 2.75
CA PRO B 33 -2.60 -11.40 3.44
C PRO B 33 -2.90 -11.61 4.90
N HIS B 34 -3.18 -12.86 5.28
CA HIS B 34 -3.60 -13.08 6.65
C HIS B 34 -2.45 -12.97 7.63
N ILE B 35 -2.53 -11.99 8.52
CA ILE B 35 -1.41 -11.66 9.39
C ILE B 35 -1.94 -11.30 10.78
N GLU B 36 -1.15 -11.52 11.82
CA GLU B 36 -1.53 -11.11 13.18
C GLU B 36 -0.47 -10.24 13.83
N ILE B 37 -0.90 -9.03 14.23
CA ILE B 37 0.03 -7.99 14.68
C ILE B 37 -0.39 -7.58 16.07
N GLN B 38 0.56 -7.71 16.99
CA GLN B 38 0.34 -7.35 18.38
C GLN B 38 1.38 -6.33 18.76
N MET B 39 0.94 -5.34 19.52
CA MET B 39 1.85 -4.35 20.02
C MET B 39 1.99 -4.56 21.50
N LEU B 40 3.22 -4.52 21.97
CA LEU B 40 3.53 -4.86 23.34
C LEU B 40 4.07 -3.65 24.11
N LYS B 41 3.60 -3.53 25.35
CA LYS B 41 4.17 -2.60 26.32
C LYS B 41 4.78 -3.46 27.40
N ASN B 42 6.08 -3.36 27.60
CA ASN B 42 6.75 -4.09 28.68
C ASN B 42 6.41 -5.59 28.64
N GLY B 43 6.57 -6.18 27.47
CA GLY B 43 6.27 -7.59 27.28
C GLY B 43 4.80 -7.95 27.33
N LYS B 44 3.91 -6.99 27.63
CA LYS B 44 2.48 -7.29 27.69
C LYS B 44 1.76 -6.72 26.49
N LYS B 45 0.87 -7.53 25.92
CA LYS B 45 0.03 -7.12 24.82
C LYS B 45 -0.76 -5.86 25.23
N ILE B 46 -0.74 -4.86 24.33
CA ILE B 46 -1.55 -3.66 24.49
C ILE B 46 -2.92 -4.03 23.95
N PRO B 47 -3.96 -3.86 24.77
CA PRO B 47 -5.28 -4.46 24.51
C PRO B 47 -6.05 -3.99 23.26
N LYS B 48 -6.13 -2.68 23.05
CA LYS B 48 -7.15 -2.09 22.15
C LYS B 48 -6.59 -1.65 20.77
N VAL B 49 -5.71 -2.47 20.20
CA VAL B 49 -4.87 -2.09 19.04
C VAL B 49 -5.66 -1.87 17.72
N GLU B 50 -5.62 -0.65 17.20
CA GLU B 50 -6.28 -0.31 15.93
C GLU B 50 -5.53 -0.95 14.78
N MET B 51 -6.27 -1.28 13.72
CA MET B 51 -5.73 -1.99 12.58
C MET B 51 -6.37 -1.42 11.31
N SER B 52 -5.56 -0.83 10.43
CA SER B 52 -6.09 -0.22 9.19
C SER B 52 -6.63 -1.28 8.25
N ASP B 53 -7.33 -0.85 7.22
CA ASP B 53 -7.79 -1.75 6.18
C ASP B 53 -6.58 -2.16 5.38
N MET B 54 -6.63 -3.39 4.87
CA MET B 54 -5.47 -3.99 4.22
C MET B 54 -5.48 -3.73 2.73
N SER B 55 -4.35 -3.25 2.24
CA SER B 55 -4.20 -2.86 0.86
C SER B 55 -3.03 -3.65 0.29
N PHE B 56 -3.02 -3.87 -1.02
CA PHE B 56 -1.82 -4.44 -1.66
C PHE B 56 -1.03 -3.47 -2.57
N SER B 57 0.25 -3.80 -2.79
CA SER B 57 1.15 -2.96 -3.58
C SER B 57 1.13 -3.41 -5.01
N LYS B 58 1.76 -2.65 -5.88
CA LYS B 58 1.74 -3.01 -7.29
C LYS B 58 2.52 -4.31 -7.59
N ASP B 59 3.37 -4.74 -6.66
CA ASP B 59 4.07 -6.02 -6.75
C ASP B 59 3.32 -7.17 -6.04
N TRP B 60 2.08 -6.88 -5.64
CA TRP B 60 1.10 -7.83 -5.07
C TRP B 60 1.26 -8.15 -3.57
N SER B 61 2.31 -7.68 -2.92
CA SER B 61 2.40 -7.83 -1.46
C SER B 61 1.50 -6.83 -0.67
N PHE B 62 1.05 -7.28 0.49
CA PHE B 62 0.14 -6.52 1.34
C PHE B 62 0.90 -5.66 2.35
N TYR B 63 0.20 -4.62 2.80
CA TYR B 63 0.67 -3.77 3.86
C TYR B 63 -0.48 -3.36 4.76
N ILE B 64 -0.20 -3.18 6.04
CA ILE B 64 -1.19 -2.71 7.01
C ILE B 64 -0.47 -1.82 8.00
N LEU B 65 -1.16 -0.81 8.50
CA LEU B 65 -0.63 -0.03 9.59
C LEU B 65 -1.38 -0.40 10.86
N ALA B 66 -0.67 -1.04 11.77
CA ALA B 66 -1.15 -1.28 13.12
C ALA B 66 -0.83 -0.05 13.96
N HIS B 67 -1.79 0.37 14.78
CA HIS B 67 -1.52 1.50 15.69
C HIS B 67 -2.38 1.57 16.95
N THR B 68 -1.85 2.27 17.94
CA THR B 68 -2.46 2.33 19.25
C THR B 68 -1.98 3.58 19.90
N GLU B 69 -2.79 4.13 20.80
CA GLU B 69 -2.37 5.28 21.61
C GLU B 69 -1.35 4.81 22.63
N PHE B 70 -0.48 5.70 23.05
CA PHE B 70 0.51 5.35 24.06
C PHE B 70 1.22 6.59 24.56
N THR B 71 1.89 6.46 25.70
CA THR B 71 2.57 7.60 26.29
C THR B 71 3.99 7.20 26.68
N PRO B 72 4.94 7.41 25.75
CA PRO B 72 6.30 7.00 26.01
C PRO B 72 6.89 7.71 27.23
N THR B 73 7.63 6.94 28.02
CA THR B 73 8.34 7.41 29.21
C THR B 73 9.81 7.01 29.08
N GLU B 74 10.67 7.59 29.91
CA GLU B 74 12.10 7.21 29.92
C GLU B 74 12.29 5.69 29.96
N THR B 75 11.38 5.02 30.69
CA THR B 75 11.55 3.63 31.14
C THR B 75 10.84 2.57 30.30
N ASP B 76 9.58 2.81 29.92
CA ASP B 76 8.78 1.80 29.21
C ASP B 76 9.34 1.46 27.84
N THR B 77 9.21 0.20 27.47
CA THR B 77 9.64 -0.27 26.18
C THR B 77 8.39 -0.67 25.42
N TYR B 78 8.42 -0.46 24.10
CA TYR B 78 7.32 -0.84 23.23
C TYR B 78 7.82 -1.66 22.06
N ALA B 79 7.02 -2.64 21.66
CA ALA B 79 7.38 -3.53 20.56
C ALA B 79 6.16 -3.91 19.75
N CYS B 80 6.41 -4.51 18.60
CA CYS B 80 5.37 -4.98 17.70
C CYS B 80 5.75 -6.40 17.35
N ARG B 81 4.84 -7.33 17.63
CA ARG B 81 5.08 -8.73 17.37
C ARG B 81 4.19 -9.17 16.24
N VAL B 82 4.82 -9.54 15.12
CA VAL B 82 4.11 -9.89 13.89
C VAL B 82 4.12 -11.41 13.71
N LYS B 83 2.95 -12.01 13.64
CA LYS B 83 2.84 -13.45 13.42
C LYS B 83 2.32 -13.71 12.01
N HIS B 84 3.05 -14.50 11.23
CA HIS B 84 2.69 -14.76 9.84
C HIS B 84 3.15 -16.15 9.40
N ASP B 85 2.39 -16.75 8.48
CA ASP B 85 2.67 -18.12 8.05
C ASP B 85 4.00 -18.27 7.32
N SER B 86 4.49 -17.19 6.74
CA SER B 86 5.81 -17.17 6.10
C SER B 86 7.01 -17.31 7.07
N MET B 87 6.75 -17.35 8.38
CA MET B 87 7.82 -17.45 9.38
C MET B 87 7.48 -18.46 10.46
N ALA B 88 8.48 -19.21 10.92
CA ALA B 88 8.30 -20.18 12.00
C ALA B 88 7.96 -19.51 13.33
N GLU B 89 8.67 -18.42 13.62
CA GLU B 89 8.48 -17.63 14.85
C GLU B 89 7.77 -16.30 14.53
N PRO B 90 7.21 -15.66 15.57
CA PRO B 90 6.89 -14.25 15.40
C PRO B 90 8.14 -13.37 15.36
N LYS B 91 8.04 -12.23 14.70
CA LYS B 91 9.14 -11.28 14.64
C LYS B 91 8.76 -10.13 15.56
N THR B 92 9.53 -9.93 16.63
CA THR B 92 9.26 -8.84 17.54
C THR B 92 10.29 -7.76 17.28
N VAL B 93 9.81 -6.56 16.98
CA VAL B 93 10.71 -5.43 16.78
C VAL B 93 10.33 -4.32 17.75
N TYR B 94 11.36 -3.87 18.47
CA TYR B 94 11.22 -2.86 19.50
C TYR B 94 11.14 -1.50 18.89
N TRP B 95 10.36 -0.63 19.51
CA TRP B 95 10.34 0.75 19.13
C TRP B 95 11.63 1.39 19.60
N ASP B 96 12.30 2.13 18.71
CA ASP B 96 13.43 2.99 19.05
C ASP B 96 12.99 4.41 18.78
N ARG B 97 13.10 5.27 19.79
CA ARG B 97 12.67 6.69 19.72
C ARG B 97 13.59 7.53 18.82
N ASP B 98 14.83 7.09 18.68
CA ASP B 98 15.76 7.66 17.72
C ASP B 98 15.47 7.19 16.28
N MET B 99 14.56 6.23 16.13
CA MET B 99 14.42 5.50 14.88
C MET B 99 12.96 5.20 14.59
N LYS C 1 -15.56 4.02 -11.79
CA LYS C 1 -16.33 2.75 -11.72
C LYS C 1 -15.41 1.58 -12.03
N ALA C 2 -15.64 0.50 -11.30
CA ALA C 2 -14.81 -0.68 -11.38
C ALA C 2 -15.16 -1.49 -12.62
N PRO C 3 -14.25 -2.41 -13.01
CA PRO C 3 -14.52 -3.33 -14.10
C PRO C 3 -15.33 -4.50 -13.60
N TYR C 4 -15.97 -5.24 -14.51
CA TYR C 4 -16.48 -6.56 -14.18
C TYR C 4 -15.90 -7.58 -15.15
N ASN C 5 -15.48 -8.72 -14.61
CA ASN C 5 -14.70 -9.67 -15.38
C ASN C 5 -15.59 -10.55 -16.23
N PHE C 6 -15.00 -11.18 -17.25
CA PHE C 6 -15.78 -11.99 -18.17
C PHE C 6 -15.40 -13.43 -17.96
N ALA C 7 -14.77 -14.09 -18.93
CA ALA C 7 -14.45 -15.50 -18.77
C ALA C 7 -13.70 -15.69 -17.46
N THR C 8 -14.16 -16.61 -16.62
CA THR C 8 -13.41 -16.97 -15.41
C THR C 8 -12.16 -17.70 -15.85
N MET C 9 -11.32 -18.02 -14.88
CA MET C 9 -10.02 -18.62 -15.12
C MET C 9 -10.15 -20.12 -15.31
#